data_7KDR
#
_entry.id   7KDR
#
_cell.length_a   61.446
_cell.length_b   42.797
_cell.length_c   56.283
_cell.angle_alpha   90.000
_cell.angle_beta   101.540
_cell.angle_gamma   90.000
#
_symmetry.space_group_name_H-M   'C 1 2 1'
#
loop_
_entity.id
_entity.type
_entity.pdbx_description
1 polymer '2-amino-4-hydroxy-6-hydroxymethyldihydropteridine pyrophosphokinase'
2 non-polymer "5'-{[(2R,4R)-1-{2-[(2-amino-7,7-dimethyl-4-oxo-3,4,7,8-tetrahydropteridine-6-carbonyl)amino]ethyl}-2-carboxypiperidin-4-yl]sulfonyl}-5'-deoxyadenosine"
3 non-polymer 'CHLORIDE ION'
4 non-polymer 1,2-ETHANEDIOL
5 water water
#
_entity_poly.entity_id   1
_entity_poly.type   'polypeptide(L)'
_entity_poly.pdbx_seq_one_letter_code
;TVAYIAIGSNLASPLEQVNAALKALGDIPESHILTVSSFYRTPPLGPQDQPDYLNAAVALETSLAPEELLNHTQRIELQQ
GRVRKAERWGPRTLDLDIMLFGNEVINTERLTVPHYDMKNRGFMLWPLFEIAPELVFPDGEMLRQILHTRAFDKLNKW
;
_entity_poly.pdbx_strand_id   A
#
# COMPACT_ATOMS: atom_id res chain seq x y z
N THR A 1 -1.81 12.81 11.73
CA THR A 1 -1.29 11.42 11.69
C THR A 1 -0.73 11.14 10.31
N VAL A 2 0.46 10.55 10.24
CA VAL A 2 1.01 10.09 8.96
C VAL A 2 0.57 8.65 8.77
N ALA A 3 -0.29 8.42 7.78
CA ALA A 3 -0.64 7.07 7.37
C ALA A 3 0.26 6.68 6.20
N TYR A 4 0.69 5.43 6.18
CA TYR A 4 1.45 4.87 5.07
C TYR A 4 0.55 3.90 4.34
N ILE A 5 0.30 4.17 3.06
CA ILE A 5 -0.64 3.41 2.24
C ILE A 5 0.16 2.66 1.19
N ALA A 6 -0.09 1.36 1.09
CA ALA A 6 0.47 0.53 0.03
C ALA A 6 -0.53 0.50 -1.12
N ILE A 7 -0.02 0.72 -2.33
CA ILE A 7 -0.85 0.66 -3.53
C ILE A 7 -0.35 -0.49 -4.39
N GLY A 8 -1.27 -1.29 -4.90
CA GLY A 8 -0.93 -2.36 -5.82
C GLY A 8 -2.00 -2.53 -6.89
N SER A 9 -1.55 -2.96 -8.06
CA SER A 9 -2.43 -3.30 -9.17
C SER A 9 -1.66 -4.17 -10.15
N ASN A 10 -2.32 -5.19 -10.68
CA ASN A 10 -1.75 -5.94 -11.81
C ASN A 10 -2.77 -6.13 -12.93
N LEU A 11 -3.84 -5.34 -12.96
CA LEU A 11 -4.88 -5.49 -13.97
C LEU A 11 -5.39 -4.12 -14.38
N ALA A 12 -5.90 -4.05 -15.62
CA ALA A 12 -6.62 -2.87 -16.10
C ALA A 12 -5.71 -1.64 -16.18
N SER A 13 -4.47 -1.86 -16.57
CA SER A 13 -3.43 -0.85 -16.73
C SER A 13 -2.96 -0.34 -15.37
N PRO A 14 -2.03 -1.06 -14.72
CA PRO A 14 -1.61 -0.66 -13.36
C PRO A 14 -1.14 0.78 -13.23
N LEU A 15 -0.45 1.31 -14.24
CA LEU A 15 0.01 2.70 -14.14
C LEU A 15 -1.17 3.67 -14.10
N GLU A 16 -2.18 3.44 -14.96
CA GLU A 16 -3.38 4.26 -14.91
C GLU A 16 -4.09 4.12 -13.58
N GLN A 17 -4.20 2.89 -13.06
CA GLN A 17 -4.89 2.69 -11.79
C GLN A 17 -4.18 3.42 -10.66
N VAL A 18 -2.85 3.33 -10.63
CA VAL A 18 -2.10 3.92 -9.53
C VAL A 18 -2.12 5.44 -9.62
N ASN A 19 -1.99 5.99 -10.83
CA ASN A 19 -2.05 7.44 -10.98
C ASN A 19 -3.41 7.98 -10.55
N ALA A 20 -4.48 7.34 -10.99
CA ALA A 20 -5.82 7.76 -10.59
C ALA A 20 -6.00 7.66 -9.08
N ALA A 21 -5.47 6.59 -8.48
CA ALA A 21 -5.63 6.40 -7.03
C ALA A 21 -4.87 7.47 -6.26
N LEU A 22 -3.67 7.82 -6.70
CA LEU A 22 -2.91 8.87 -6.01
C LEU A 22 -3.63 10.22 -6.09
N LYS A 23 -4.14 10.56 -7.27
CA LYS A 23 -4.94 11.77 -7.40
C LYS A 23 -6.11 11.75 -6.43
N ALA A 24 -6.82 10.63 -6.36
CA ALA A 24 -7.98 10.54 -5.47
C ALA A 24 -7.57 10.61 -4.01
N LEU A 25 -6.46 9.96 -3.65
CA LEU A 25 -5.99 10.01 -2.26
C LEU A 25 -5.68 11.44 -1.84
N GLY A 26 -5.02 12.21 -2.72
CA GLY A 26 -4.68 13.57 -2.38
C GLY A 26 -5.88 14.46 -2.15
N ASP A 27 -7.04 14.07 -2.67
CA ASP A 27 -8.27 14.81 -2.51
C ASP A 27 -9.14 14.28 -1.39
N ILE A 28 -8.65 13.31 -0.62
CA ILE A 28 -9.44 12.85 0.54
C ILE A 28 -9.58 13.99 1.52
N PRO A 29 -10.76 14.22 2.11
CA PRO A 29 -10.90 15.35 3.04
C PRO A 29 -9.89 15.25 4.17
N GLU A 30 -9.42 16.41 4.62
CA GLU A 30 -8.55 16.50 5.79
C GLU A 30 -7.21 15.79 5.58
N SER A 31 -6.78 15.63 4.34
CA SER A 31 -5.59 14.84 4.05
C SER A 31 -4.80 15.44 2.89
N HIS A 32 -3.51 15.14 2.87
CA HIS A 32 -2.65 15.51 1.76
C HIS A 32 -1.43 14.60 1.72
N ILE A 33 -0.84 14.49 0.53
CA ILE A 33 0.28 13.59 0.30
C ILE A 33 1.58 14.27 0.71
N LEU A 34 2.37 13.60 1.53
CA LEU A 34 3.69 14.09 1.91
C LEU A 34 4.77 13.62 0.97
N THR A 35 4.73 12.34 0.57
N THR A 35 4.75 12.35 0.58
CA THR A 35 5.77 11.73 -0.23
CA THR A 35 5.72 11.88 -0.39
C THR A 35 5.17 10.52 -0.94
C THR A 35 5.31 10.50 -0.89
N VAL A 36 5.67 10.23 -2.14
CA VAL A 36 5.37 8.98 -2.83
C VAL A 36 6.67 8.28 -3.19
N SER A 37 6.68 6.95 -3.05
CA SER A 37 7.83 6.17 -3.47
C SER A 37 7.92 6.12 -4.98
N SER A 38 9.02 5.56 -5.47
CA SER A 38 9.08 5.15 -6.86
C SER A 38 8.03 4.08 -7.14
N PHE A 39 7.72 3.90 -8.42
CA PHE A 39 6.80 2.86 -8.86
C PHE A 39 7.62 1.63 -9.23
N TYR A 40 7.25 0.47 -8.70
CA TYR A 40 8.02 -0.74 -8.86
C TYR A 40 7.21 -1.81 -9.58
N ARG A 41 7.89 -2.63 -10.37
N ARG A 41 7.91 -2.64 -10.36
CA ARG A 41 7.27 -3.79 -11.04
CA ARG A 41 7.35 -3.79 -11.04
C ARG A 41 7.75 -5.03 -10.31
C ARG A 41 7.78 -5.02 -10.24
N THR A 42 6.82 -5.76 -9.70
CA THR A 42 7.14 -6.89 -8.87
C THR A 42 6.47 -8.17 -9.34
N PRO A 43 7.14 -9.31 -9.21
CA PRO A 43 6.51 -10.57 -9.60
C PRO A 43 5.40 -10.93 -8.63
N PRO A 44 4.35 -11.59 -9.11
CA PRO A 44 3.22 -11.87 -8.20
C PRO A 44 3.62 -12.78 -7.05
N LEU A 45 3.15 -12.44 -5.86
CA LEU A 45 3.17 -13.34 -4.72
C LEU A 45 1.91 -14.19 -4.79
N GLY A 46 2.07 -15.50 -4.85
CA GLY A 46 0.96 -16.40 -5.02
C GLY A 46 0.94 -17.01 -6.40
N PRO A 47 -0.26 -17.24 -6.94
CA PRO A 47 -0.39 -17.86 -8.26
C PRO A 47 0.44 -17.12 -9.30
N GLN A 48 1.13 -17.88 -10.14
CA GLN A 48 2.10 -17.31 -11.07
C GLN A 48 1.52 -16.97 -12.44
N ASP A 49 0.32 -17.46 -12.75
N ASP A 49 0.30 -17.41 -12.75
CA ASP A 49 -0.33 -17.12 -14.03
CA ASP A 49 -0.30 -17.13 -14.06
C ASP A 49 -1.21 -15.88 -13.85
C ASP A 49 -1.15 -15.85 -14.06
N GLN A 50 -0.54 -14.74 -13.67
CA GLN A 50 -1.19 -13.46 -13.52
C GLN A 50 -0.10 -12.43 -13.78
N PRO A 51 -0.45 -11.22 -14.20
CA PRO A 51 0.59 -10.26 -14.58
C PRO A 51 1.39 -9.74 -13.39
N ASP A 52 2.54 -9.15 -13.70
CA ASP A 52 3.34 -8.48 -12.68
C ASP A 52 2.57 -7.32 -12.08
N TYR A 53 2.88 -6.98 -10.83
CA TYR A 53 2.23 -5.89 -10.12
C TYR A 53 3.03 -4.59 -10.23
N LEU A 54 2.32 -3.47 -10.23
CA LEU A 54 2.91 -2.18 -9.91
C LEU A 54 2.65 -1.95 -8.43
N ASN A 55 3.71 -1.72 -7.65
CA ASN A 55 3.61 -1.48 -6.22
C ASN A 55 4.29 -0.18 -5.87
N ALA A 56 3.69 0.55 -4.94
CA ALA A 56 4.22 1.83 -4.48
C ALA A 56 3.74 2.04 -3.05
N ALA A 57 4.35 3.01 -2.37
CA ALA A 57 3.93 3.42 -1.03
C ALA A 57 3.77 4.94 -1.03
N VAL A 58 2.83 5.42 -0.22
N VAL A 58 2.81 5.39 -0.22
CA VAL A 58 2.57 6.86 -0.15
CA VAL A 58 2.47 6.80 -0.08
C VAL A 58 2.32 7.24 1.30
C VAL A 58 2.46 7.10 1.41
N ALA A 59 3.09 8.22 1.79
CA ALA A 59 2.85 8.85 3.08
C ALA A 59 1.78 9.93 2.97
N LEU A 60 0.68 9.75 3.70
CA LEU A 60 -0.47 10.65 3.66
C LEU A 60 -0.68 11.22 5.05
N GLU A 61 -0.57 12.54 5.17
CA GLU A 61 -0.93 13.20 6.43
C GLU A 61 -2.44 13.38 6.49
N THR A 62 -3.04 13.00 7.61
CA THR A 62 -4.49 13.06 7.71
C THR A 62 -4.91 13.34 9.14
N SER A 63 -6.02 14.09 9.28
N SER A 63 -6.02 14.09 9.28
CA SER A 63 -6.68 14.26 10.57
CA SER A 63 -6.69 14.27 10.56
C SER A 63 -7.91 13.38 10.70
C SER A 63 -7.93 13.40 10.67
N LEU A 64 -8.12 12.45 9.75
CA LEU A 64 -9.26 11.56 9.81
C LEU A 64 -8.99 10.45 10.82
N ALA A 65 -10.08 9.91 11.38
CA ALA A 65 -9.98 8.68 12.15
C ALA A 65 -9.64 7.52 11.21
N PRO A 66 -9.00 6.47 11.71
CA PRO A 66 -8.59 5.38 10.81
C PRO A 66 -9.74 4.80 10.00
N GLU A 67 -10.87 4.56 10.65
CA GLU A 67 -12.03 4.00 9.96
C GLU A 67 -12.57 4.96 8.90
N GLU A 68 -12.49 6.27 9.16
CA GLU A 68 -12.89 7.25 8.16
C GLU A 68 -11.96 7.21 6.96
N LEU A 69 -10.66 7.08 7.20
CA LEU A 69 -9.73 6.92 6.08
C LEU A 69 -10.07 5.67 5.29
N LEU A 70 -10.37 4.56 5.97
CA LEU A 70 -10.72 3.35 5.26
C LEU A 70 -11.98 3.53 4.43
N ASN A 71 -12.97 4.27 4.96
CA ASN A 71 -14.17 4.53 4.17
C ASN A 71 -13.81 5.18 2.84
N HIS A 72 -12.84 6.08 2.85
CA HIS A 72 -12.45 6.80 1.64
C HIS A 72 -11.66 5.92 0.70
N THR A 73 -10.71 5.14 1.21
CA THR A 73 -9.96 4.25 0.33
C THR A 73 -10.87 3.22 -0.31
N GLN A 74 -11.86 2.72 0.44
CA GLN A 74 -12.80 1.76 -0.12
C GLN A 74 -13.74 2.42 -1.13
N ARG A 75 -14.12 3.67 -0.88
CA ARG A 75 -14.92 4.40 -1.86
C ARG A 75 -14.16 4.55 -3.16
N ILE A 76 -12.86 4.88 -3.07
CA ILE A 76 -12.04 5.04 -4.26
C ILE A 76 -11.97 3.74 -5.04
N GLU A 77 -11.74 2.62 -4.33
CA GLU A 77 -11.70 1.32 -4.98
C GLU A 77 -13.00 1.03 -5.73
N LEU A 78 -14.13 1.56 -5.24
CA LEU A 78 -15.41 1.30 -5.89
C LEU A 78 -15.69 2.28 -7.02
N GLN A 79 -15.35 3.55 -6.82
CA GLN A 79 -15.67 4.58 -7.81
C GLN A 79 -14.75 4.52 -9.03
N GLN A 80 -13.55 3.97 -8.89
CA GLN A 80 -12.52 4.09 -9.91
C GLN A 80 -12.60 2.96 -10.91
N GLY A 81 -12.58 3.31 -12.19
CA GLY A 81 -12.47 2.33 -13.24
C GLY A 81 -13.81 1.80 -13.70
N ARG A 82 -13.73 0.87 -14.66
CA ARG A 82 -14.91 0.26 -15.26
C ARG A 82 -15.30 -1.05 -14.61
N VAL A 83 -14.36 -1.69 -13.91
CA VAL A 83 -14.58 -3.03 -13.38
C VAL A 83 -13.60 -3.22 -12.24
N ARG A 84 -14.07 -3.88 -11.18
CA ARG A 84 -13.23 -4.17 -10.04
C ARG A 84 -13.04 -5.68 -9.92
N LYS A 85 -11.78 -6.11 -9.85
CA LYS A 85 -11.43 -7.48 -9.53
C LYS A 85 -10.61 -7.46 -8.25
N ALA A 86 -11.02 -8.25 -7.27
CA ALA A 86 -10.34 -8.36 -5.99
C ALA A 86 -10.45 -9.82 -5.53
N GLU A 87 -9.87 -10.71 -6.34
N GLU A 87 -9.91 -10.74 -6.33
CA GLU A 87 -9.88 -12.14 -6.04
CA GLU A 87 -9.98 -12.15 -5.99
C GLU A 87 -8.81 -12.46 -4.99
C GLU A 87 -8.84 -12.51 -5.05
N ARG A 88 -9.14 -13.38 -4.08
CA ARG A 88 -8.12 -13.85 -3.14
C ARG A 88 -6.95 -14.47 -3.91
N TRP A 89 -5.74 -14.00 -3.60
CA TRP A 89 -4.49 -14.39 -4.24
C TRP A 89 -4.34 -13.80 -5.64
N GLY A 90 -5.25 -12.93 -6.05
CA GLY A 90 -5.07 -12.16 -7.27
C GLY A 90 -5.84 -12.75 -8.43
N PRO A 91 -5.94 -12.00 -9.55
CA PRO A 91 -5.40 -10.64 -9.77
C PRO A 91 -6.21 -9.53 -9.11
N ARG A 92 -5.67 -8.31 -9.14
CA ARG A 92 -6.22 -7.19 -8.39
C ARG A 92 -6.18 -5.96 -9.28
N THR A 93 -7.35 -5.33 -9.48
N THR A 93 -7.33 -5.30 -9.48
CA THR A 93 -7.42 -4.09 -10.25
CA THR A 93 -7.33 -4.08 -10.29
C THR A 93 -6.74 -2.95 -9.50
C THR A 93 -6.75 -2.91 -9.51
N LEU A 94 -7.05 -2.82 -8.22
CA LEU A 94 -6.51 -1.76 -7.39
C LEU A 94 -6.70 -2.08 -5.92
N ASP A 95 -5.61 -2.13 -5.17
CA ASP A 95 -5.67 -2.27 -3.72
C ASP A 95 -5.04 -1.05 -3.08
N LEU A 96 -5.75 -0.46 -2.12
CA LEU A 96 -5.25 0.62 -1.29
C LEU A 96 -5.25 0.08 0.14
N ASP A 97 -4.10 -0.34 0.63
CA ASP A 97 -3.98 -0.93 1.95
C ASP A 97 -3.39 0.11 2.90
N ILE A 98 -4.00 0.23 4.08
CA ILE A 98 -3.42 1.04 5.16
C ILE A 98 -2.38 0.16 5.83
N MET A 99 -1.11 0.38 5.49
CA MET A 99 -0.03 -0.40 6.08
C MET A 99 0.21 0.01 7.52
N LEU A 100 0.36 1.30 7.76
N LEU A 100 0.21 1.30 7.79
CA LEU A 100 0.53 1.85 9.09
CA LEU A 100 0.52 1.84 9.09
C LEU A 100 -0.38 3.06 9.23
C LEU A 100 -0.27 3.13 9.25
N PHE A 101 -0.75 3.38 10.46
CA PHE A 101 -1.58 4.55 10.76
C PHE A 101 -0.89 5.20 11.95
N GLY A 102 -0.05 6.18 11.69
CA GLY A 102 0.86 6.64 12.71
C GLY A 102 1.54 5.46 13.35
N ASN A 103 1.68 5.50 14.67
CA ASN A 103 2.22 4.40 15.45
C ASN A 103 1.11 3.60 16.15
N GLU A 104 -0.09 3.59 15.57
CA GLU A 104 -1.23 2.96 16.21
C GLU A 104 -1.36 1.50 15.81
N VAL A 105 -1.98 0.72 16.68
CA VAL A 105 -2.37 -0.67 16.40
C VAL A 105 -3.89 -0.73 16.47
N ILE A 106 -4.50 -1.31 15.44
CA ILE A 106 -5.94 -1.44 15.31
C ILE A 106 -6.23 -2.88 14.91
N ASN A 107 -7.21 -3.49 15.58
CA ASN A 107 -7.56 -4.87 15.32
C ASN A 107 -9.07 -5.09 15.36
N THR A 108 -9.80 -4.48 14.42
CA THR A 108 -11.25 -4.60 14.39
C THR A 108 -11.70 -5.53 13.27
N GLU A 109 -13.01 -5.76 13.22
CA GLU A 109 -13.57 -6.57 12.14
C GLU A 109 -13.24 -5.97 10.79
N ARG A 110 -13.09 -4.65 10.71
CA ARG A 110 -12.86 -3.99 9.43
C ARG A 110 -11.41 -3.63 9.18
N LEU A 111 -10.60 -3.43 10.23
CA LEU A 111 -9.30 -2.79 10.04
C LEU A 111 -8.25 -3.41 10.95
N THR A 112 -7.21 -3.95 10.35
CA THR A 112 -6.05 -4.49 11.06
C THR A 112 -4.82 -3.71 10.60
N VAL A 113 -4.21 -2.99 11.53
CA VAL A 113 -3.04 -2.14 11.29
C VAL A 113 -2.07 -2.41 12.43
N PRO A 114 -0.78 -2.66 12.18
CA PRO A 114 -0.15 -2.76 10.85
C PRO A 114 -0.76 -3.86 10.02
N HIS A 115 -0.65 -3.72 8.69
CA HIS A 115 -1.08 -4.78 7.80
C HIS A 115 -0.54 -6.11 8.28
N TYR A 116 -1.40 -7.13 8.28
CA TYR A 116 -1.13 -8.36 9.03
C TYR A 116 0.06 -9.15 8.49
N ASP A 117 0.45 -8.93 7.23
CA ASP A 117 1.52 -9.72 6.62
C ASP A 117 2.63 -8.87 6.03
N MET A 118 2.68 -7.57 6.31
CA MET A 118 3.61 -6.71 5.59
C MET A 118 5.06 -7.06 5.89
N LYS A 119 5.35 -7.59 7.08
CA LYS A 119 6.73 -7.92 7.41
C LYS A 119 7.27 -9.09 6.60
N ASN A 120 6.41 -9.79 5.86
CA ASN A 120 6.84 -10.89 5.00
C ASN A 120 6.80 -10.53 3.52
N ARG A 121 6.55 -9.27 3.17
CA ARG A 121 6.29 -8.89 1.78
C ARG A 121 7.27 -7.80 1.34
N GLY A 122 8.26 -8.19 0.54
CA GLY A 122 9.26 -7.25 0.07
C GLY A 122 8.65 -6.12 -0.76
N PHE A 123 7.58 -6.42 -1.48
CA PHE A 123 6.95 -5.38 -2.31
C PHE A 123 6.21 -4.34 -1.49
N MET A 124 5.99 -4.58 -0.19
CA MET A 124 5.53 -3.54 0.72
C MET A 124 6.69 -2.88 1.45
N LEU A 125 7.71 -3.63 1.85
CA LEU A 125 8.74 -3.08 2.72
C LEU A 125 9.74 -2.22 1.96
N TRP A 126 10.11 -2.61 0.73
CA TRP A 126 11.11 -1.82 0.02
C TRP A 126 10.60 -0.43 -0.35
N PRO A 127 9.40 -0.27 -0.92
CA PRO A 127 8.90 1.10 -1.16
C PRO A 127 8.76 1.90 0.12
N LEU A 128 8.36 1.25 1.23
CA LEU A 128 8.27 1.96 2.50
C LEU A 128 9.64 2.42 2.98
N PHE A 129 10.66 1.58 2.82
CA PHE A 129 12.01 1.95 3.21
C PHE A 129 12.53 3.12 2.39
N GLU A 130 12.12 3.20 1.11
CA GLU A 130 12.54 4.32 0.28
C GLU A 130 12.08 5.65 0.88
N ILE A 131 10.86 5.69 1.44
CA ILE A 131 10.31 6.96 1.93
C ILE A 131 10.40 7.12 3.44
N ALA A 132 10.74 6.07 4.19
CA ALA A 132 10.83 6.14 5.64
C ALA A 132 11.93 5.19 6.14
N PRO A 133 13.19 5.43 5.76
CA PRO A 133 14.24 4.47 6.12
C PRO A 133 14.44 4.26 7.62
N GLU A 134 14.10 5.23 8.45
CA GLU A 134 14.32 5.10 9.89
C GLU A 134 13.10 4.58 10.64
N LEU A 135 12.13 4.02 9.93
CA LEU A 135 10.86 3.66 10.54
C LEU A 135 11.03 2.51 11.54
N VAL A 136 10.33 2.63 12.66
CA VAL A 136 10.25 1.62 13.69
C VAL A 136 8.78 1.23 13.85
N PHE A 137 8.50 -0.07 13.86
CA PHE A 137 7.12 -0.56 13.92
C PHE A 137 6.57 -0.44 15.34
N PRO A 138 5.25 -0.56 15.50
CA PRO A 138 4.67 -0.47 16.84
C PRO A 138 5.22 -1.47 17.84
N ASP A 139 5.63 -2.66 17.41
CA ASP A 139 6.20 -3.63 18.35
C ASP A 139 7.65 -3.33 18.71
N GLY A 140 8.24 -2.28 18.15
CA GLY A 140 9.61 -1.92 18.42
C GLY A 140 10.61 -2.37 17.38
N GLU A 141 10.20 -3.21 16.43
CA GLU A 141 11.12 -3.73 15.43
C GLU A 141 11.46 -2.64 14.41
N MET A 142 12.73 -2.62 13.97
CA MET A 142 13.21 -1.62 13.03
C MET A 142 13.03 -2.12 11.61
N LEU A 143 12.51 -1.25 10.73
CA LEU A 143 12.33 -1.64 9.34
C LEU A 143 13.65 -2.05 8.70
N ARG A 144 14.72 -1.28 8.91
CA ARG A 144 16.01 -1.63 8.31
C ARG A 144 16.46 -3.00 8.79
N GLN A 145 16.18 -3.34 10.05
CA GLN A 145 16.61 -4.64 10.57
C GLN A 145 15.88 -5.78 9.88
N ILE A 146 14.58 -5.61 9.63
CA ILE A 146 13.83 -6.65 8.94
C ILE A 146 14.41 -6.90 7.56
N LEU A 147 14.71 -5.83 6.82
CA LEU A 147 15.27 -5.99 5.48
C LEU A 147 16.67 -6.62 5.53
N HIS A 148 17.46 -6.29 6.54
CA HIS A 148 18.76 -6.93 6.69
C HIS A 148 18.60 -8.43 6.93
N THR A 149 17.70 -8.81 7.83
CA THR A 149 17.58 -10.21 8.25
C THR A 149 16.94 -11.07 7.16
N ARG A 150 15.87 -10.56 6.53
CA ARG A 150 15.13 -11.38 5.59
C ARG A 150 15.76 -11.41 4.20
N ALA A 151 16.56 -10.41 3.86
CA ALA A 151 17.28 -10.37 2.58
C ALA A 151 16.34 -10.42 1.38
N PHE A 152 15.19 -9.77 1.51
CA PHE A 152 14.27 -9.64 0.38
C PHE A 152 15.00 -9.01 -0.79
N ASP A 153 14.83 -9.57 -1.98
CA ASP A 153 15.42 -8.98 -3.17
C ASP A 153 14.91 -7.57 -3.38
N LYS A 154 15.80 -6.68 -3.82
CA LYS A 154 15.41 -5.34 -4.20
C LYS A 154 14.51 -5.39 -5.43
N LEU A 155 13.80 -4.31 -5.68
CA LEU A 155 12.77 -4.27 -6.70
C LEU A 155 13.22 -3.48 -7.91
N ASN A 156 12.70 -3.88 -9.06
CA ASN A 156 12.92 -3.18 -10.32
C ASN A 156 11.82 -2.13 -10.49
N LYS A 157 12.18 -1.05 -11.19
CA LYS A 157 11.23 0.04 -11.41
C LYS A 157 10.29 -0.29 -12.57
N TRP A 158 9.06 0.21 -12.44
CA TRP A 158 8.06 0.06 -13.49
C TRP A 158 8.53 0.81 -14.73
#